data_6TPW
#
_entry.id   6TPW
#
_cell.length_a   74.860
_cell.length_b   74.860
_cell.length_c   461.040
_cell.angle_alpha   90.000
_cell.angle_beta   90.000
_cell.angle_gamma   90.000
#
_symmetry.space_group_name_H-M   'I 41 2 2'
#
loop_
_entity.id
_entity.type
_entity.pdbx_description
1 polymer 'Receptor-type tyrosine-protein phosphatase F'
2 non-polymer 'SULFATE ION'
3 water water
#
_entity_poly.entity_id   1
_entity_poly.type   'polypeptide(L)'
_entity_poly.pdbx_seq_one_letter_code
;MHHHHHHENLYFQGPKPPIDLVVTETTATSVTLTWDSGNSEPVTYYGIQYRAAGTEGPFQEVDGVATTRYSIGGLSPFSE
YAFRVLAVNSIGRGPPSEAVRARTGEQAPSSPPRRVQARMLSASTMLVQWEPPEEPNGLVRGYRVYYTPDSRRPPNAWHK
HNTDAGLLTTVGSLLPGITYSLRVLAFTAVGDGPPSPTIQVKTQQGVPAQPADFQAEVESDTRIQLSWLLPPQERIIMYE
LVYWAAEDEDQQHKVTFDPTSSYTLEDLKPDTLYRFQLAARSDMGVGVFTPTIEARTAQSTPSAPPQKVMCVSMGSTTVR
VSWVPPPADSRNGVITQYSVAYEAVDGEDRGRHVVDGISREHSSWDLVGLEKWTEYRVWVRAHTDVGPGPESSPVLVRTD
ED
;
_entity_poly.pdbx_strand_id   A
#
# COMPACT_ATOMS: atom_id res chain seq x y z
N PRO A 15 23.16 20.30 67.04
CA PRO A 15 24.27 19.71 66.30
C PRO A 15 24.43 20.34 64.91
N LYS A 16 25.55 20.06 64.27
CA LYS A 16 25.76 20.51 62.90
C LYS A 16 25.07 19.55 61.92
N PRO A 17 24.59 20.05 60.79
CA PRO A 17 23.99 19.17 59.80
C PRO A 17 25.02 18.25 59.20
N PRO A 18 24.64 17.01 58.85
CA PRO A 18 25.56 16.14 58.11
C PRO A 18 25.89 16.76 56.76
N ILE A 19 27.05 16.37 56.21
CA ILE A 19 27.54 17.01 55.00
C ILE A 19 27.79 15.99 53.91
N ASP A 20 28.13 14.76 54.28
CA ASP A 20 28.48 13.72 53.31
C ASP A 20 27.26 12.91 52.89
N LEU A 21 26.15 13.59 52.60
CA LEU A 21 24.95 12.92 52.15
C LEU A 21 25.14 12.43 50.71
N VAL A 22 24.99 11.13 50.49
CA VAL A 22 25.26 10.50 49.21
C VAL A 22 24.14 9.52 48.87
N VAL A 23 23.71 9.53 47.61
CA VAL A 23 22.75 8.55 47.11
C VAL A 23 23.52 7.33 46.64
N THR A 24 23.20 6.17 47.21
CA THR A 24 23.93 4.95 46.93
C THR A 24 23.18 3.97 46.03
N GLU A 25 21.86 3.90 46.13
CA GLU A 25 21.06 3.00 45.33
C GLU A 25 19.78 3.69 44.89
N THR A 26 19.29 3.30 43.72
CA THR A 26 18.06 3.86 43.17
C THR A 26 17.30 2.77 42.42
N THR A 27 16.04 2.58 42.80
CA THR A 27 15.13 1.69 42.08
C THR A 27 13.93 2.50 41.60
N ALA A 28 12.87 1.80 41.21
CA ALA A 28 11.66 2.48 40.76
C ALA A 28 10.90 3.09 41.93
N THR A 29 11.06 2.52 43.13
CA THR A 29 10.27 2.97 44.27
C THR A 29 11.08 3.17 45.55
N SER A 30 12.41 3.11 45.49
CA SER A 30 13.20 3.22 46.71
C SER A 30 14.52 3.92 46.42
N VAL A 31 15.04 4.60 47.45
CA VAL A 31 16.34 5.28 47.39
C VAL A 31 17.07 5.01 48.70
N THR A 32 18.29 4.49 48.60
CA THR A 32 19.12 4.20 49.77
C THR A 32 20.13 5.32 49.95
N LEU A 33 20.23 5.83 51.18
CA LEU A 33 21.10 6.94 51.50
C LEU A 33 22.10 6.56 52.58
N THR A 34 23.30 7.13 52.49
CA THR A 34 24.33 6.96 53.51
C THR A 34 24.98 8.30 53.79
N TRP A 35 25.48 8.46 55.02
CA TRP A 35 26.15 9.69 55.42
C TRP A 35 27.11 9.44 56.58
N PRO A 42 29.08 14.43 67.54
CA PRO A 42 28.55 13.34 68.35
C PRO A 42 27.05 13.46 68.51
N VAL A 43 26.29 12.79 67.64
CA VAL A 43 24.83 12.88 67.68
C VAL A 43 24.16 11.62 68.10
N THR A 44 22.87 11.72 68.33
CA THR A 44 22.13 10.56 68.84
C THR A 44 21.37 9.84 67.73
N TYR A 45 20.78 10.57 66.78
CA TYR A 45 20.16 9.96 65.61
C TYR A 45 19.96 11.05 64.56
N TYR A 46 19.41 10.64 63.41
CA TYR A 46 19.23 11.54 62.28
C TYR A 46 17.78 11.51 61.80
N GLY A 47 17.38 12.59 61.14
CA GLY A 47 16.07 12.68 60.53
C GLY A 47 16.14 13.02 59.06
N ILE A 48 15.41 12.28 58.23
CA ILE A 48 15.45 12.45 56.79
C ILE A 48 14.15 13.11 56.35
N GLN A 49 14.27 14.29 55.74
CA GLN A 49 13.13 15.09 55.30
C GLN A 49 13.18 15.20 53.79
N TYR A 50 12.04 14.99 53.13
CA TYR A 50 12.02 14.99 51.68
C TYR A 50 10.70 15.49 51.13
N ARG A 51 10.78 16.20 50.01
CA ARG A 51 9.62 16.63 49.23
C ARG A 51 10.00 16.60 47.75
N ALA A 52 8.98 16.53 46.91
CA ALA A 52 9.19 16.73 45.48
C ALA A 52 9.18 18.22 45.17
N ALA A 53 10.07 18.63 44.27
CA ALA A 53 10.27 20.07 44.02
C ALA A 53 8.99 20.73 43.51
N GLY A 54 8.48 20.25 42.39
CA GLY A 54 7.29 20.79 41.77
C GLY A 54 5.98 20.52 42.49
N THR A 55 6.01 19.97 43.70
CA THR A 55 4.78 19.69 44.43
C THR A 55 4.50 20.79 45.46
N GLU A 56 3.96 20.41 46.62
CA GLU A 56 3.59 21.37 47.64
C GLU A 56 4.75 21.59 48.61
N GLY A 57 4.77 22.77 49.21
CA GLY A 57 5.79 23.17 50.15
C GLY A 57 6.09 22.20 51.28
N PRO A 58 5.08 21.77 52.04
CA PRO A 58 5.34 20.97 53.25
C PRO A 58 6.05 19.67 52.92
N PHE A 59 7.19 19.45 53.59
CA PHE A 59 7.97 18.24 53.43
C PHE A 59 7.33 17.06 54.15
N GLN A 60 7.60 15.86 53.64
CA GLN A 60 7.36 14.65 54.41
C GLN A 60 8.58 14.37 55.29
N GLU A 61 8.35 13.64 56.37
CA GLU A 61 9.39 13.44 57.39
C GLU A 61 9.51 11.97 57.77
N VAL A 62 10.75 11.52 57.92
CA VAL A 62 11.07 10.21 58.48
C VAL A 62 11.94 10.44 59.71
N ASP A 63 11.43 10.06 60.87
CA ASP A 63 12.07 10.38 62.13
C ASP A 63 12.68 9.14 62.77
N GLY A 64 13.77 9.36 63.51
CA GLY A 64 14.39 8.31 64.29
C GLY A 64 15.26 7.34 63.52
N VAL A 65 16.22 7.86 62.77
CA VAL A 65 17.18 7.04 62.04
C VAL A 65 18.44 6.95 62.90
N ALA A 66 18.60 5.80 63.57
CA ALA A 66 19.71 5.63 64.51
C ALA A 66 21.02 5.28 63.83
N THR A 67 21.01 4.94 62.54
CA THR A 67 22.22 4.63 61.80
C THR A 67 22.52 5.76 60.82
N THR A 68 23.57 5.57 60.03
CA THR A 68 23.94 6.50 58.97
C THR A 68 23.55 5.99 57.59
N ARG A 69 22.82 4.88 57.52
CA ARG A 69 22.29 4.36 56.26
C ARG A 69 20.80 4.13 56.42
N TYR A 70 20.07 4.29 55.31
CA TYR A 70 18.62 4.09 55.32
C TYR A 70 18.12 4.05 53.88
N SER A 71 17.01 3.34 53.69
CA SER A 71 16.38 3.19 52.38
C SER A 71 14.94 3.65 52.46
N ILE A 72 14.62 4.72 51.73
CA ILE A 72 13.27 5.27 51.71
C ILE A 72 12.49 4.59 50.58
N GLY A 73 11.40 3.91 50.94
CA GLY A 73 10.56 3.23 49.99
C GLY A 73 9.25 3.96 49.74
N GLY A 74 8.44 3.37 48.85
CA GLY A 74 7.13 3.92 48.58
C GLY A 74 7.10 5.10 47.64
N LEU A 75 8.16 5.33 46.88
CA LEU A 75 8.21 6.47 45.98
C LEU A 75 7.56 6.14 44.64
N SER A 76 7.23 7.19 43.90
CA SER A 76 6.60 7.04 42.58
C SER A 76 7.66 6.97 41.49
N PRO A 77 7.44 6.16 40.46
CA PRO A 77 8.45 6.03 39.39
C PRO A 77 8.51 7.28 38.54
N PHE A 78 9.72 7.58 38.05
CA PHE A 78 9.98 8.69 37.14
C PHE A 78 9.52 10.02 37.75
N SER A 79 9.78 10.20 39.04
CA SER A 79 9.43 11.41 39.75
C SER A 79 10.67 11.99 40.43
N GLU A 80 10.79 13.31 40.42
CA GLU A 80 11.93 13.98 41.01
C GLU A 80 11.61 14.40 42.43
N TYR A 81 12.50 14.05 43.36
CA TYR A 81 12.36 14.40 44.76
C TYR A 81 13.57 15.20 45.23
N ALA A 82 13.42 15.83 46.38
CA ALA A 82 14.50 16.54 47.05
C ALA A 82 14.65 15.99 48.46
N PHE A 83 15.90 15.79 48.88
CA PHE A 83 16.20 15.20 50.17
C PHE A 83 17.16 16.09 50.95
N ARG A 84 16.98 16.14 52.26
CA ARG A 84 17.89 16.86 53.14
C ARG A 84 17.83 16.23 54.52
N VAL A 85 18.95 16.34 55.25
CA VAL A 85 19.11 15.69 56.54
C VAL A 85 19.53 16.72 57.58
N LEU A 86 18.96 16.61 58.78
CA LEU A 86 19.37 17.40 59.93
C LEU A 86 19.75 16.45 61.06
N ALA A 87 20.61 16.95 61.95
CA ALA A 87 21.13 16.18 63.07
C ALA A 87 20.47 16.60 64.37
N VAL A 88 20.38 15.65 65.30
CA VAL A 88 19.80 15.88 66.62
C VAL A 88 20.65 15.17 67.65
N ASN A 89 20.84 15.79 68.81
CA ASN A 89 21.53 15.15 69.92
C ASN A 89 20.66 15.35 71.17
N SER A 90 21.28 15.17 72.34
CA SER A 90 20.55 15.36 73.60
C SER A 90 20.13 16.81 73.82
N ILE A 91 20.84 17.77 73.21
CA ILE A 91 20.48 19.18 73.36
C ILE A 91 19.26 19.52 72.53
N GLY A 92 19.23 19.07 71.29
CA GLY A 92 18.11 19.35 70.42
C GLY A 92 18.46 19.06 68.97
N ARG A 93 17.65 19.62 68.07
CA ARG A 93 17.86 19.44 66.64
C ARG A 93 18.82 20.51 66.10
N GLY A 94 19.23 20.32 64.85
CA GLY A 94 20.08 21.27 64.19
C GLY A 94 19.52 21.67 62.83
N PRO A 95 20.20 22.60 62.16
CA PRO A 95 19.73 23.01 60.83
C PRO A 95 19.88 21.87 59.85
N PRO A 96 19.08 21.86 58.78
CA PRO A 96 19.19 20.78 57.79
C PRO A 96 20.40 20.97 56.88
N SER A 97 20.80 19.87 56.27
CA SER A 97 21.89 19.89 55.30
C SER A 97 21.41 20.49 53.98
N GLU A 98 22.34 20.64 53.03
CA GLU A 98 21.96 21.06 51.69
C GLU A 98 21.15 19.96 51.02
N ALA A 99 20.23 20.38 50.14
CA ALA A 99 19.35 19.43 49.49
C ALA A 99 20.04 18.76 48.31
N VAL A 100 19.68 17.49 48.08
CA VAL A 100 20.23 16.70 46.98
C VAL A 100 19.08 16.24 46.09
N ARG A 101 19.40 16.02 44.82
CA ARG A 101 18.42 15.63 43.82
C ARG A 101 18.42 14.13 43.58
N ALA A 102 17.27 13.62 43.15
CA ALA A 102 17.13 12.19 42.88
C ALA A 102 15.91 11.98 41.99
N ARG A 103 16.02 11.03 41.07
CA ARG A 103 14.92 10.62 40.20
C ARG A 103 14.77 9.11 40.27
N THR A 104 13.55 8.65 40.54
CA THR A 104 13.30 7.23 40.70
C THR A 104 13.38 6.52 39.35
N GLY A 105 13.48 5.19 39.43
CA GLY A 105 13.64 4.36 38.25
C GLY A 105 12.36 4.21 37.45
N GLU A 106 12.46 3.46 36.36
CA GLU A 106 11.38 3.30 35.40
C GLU A 106 10.59 2.03 35.66
N GLN A 107 9.33 2.03 35.23
CA GLN A 107 8.47 0.86 35.17
C GLN A 107 7.77 0.86 33.82
N ALA A 108 6.96 -0.17 33.59
CA ALA A 108 6.11 -0.18 32.41
C ALA A 108 5.02 0.86 32.57
N PRO A 109 4.55 1.46 31.46
CA PRO A 109 3.47 2.43 31.56
C PRO A 109 2.21 1.81 32.16
N SER A 110 1.44 2.65 32.86
CA SER A 110 0.22 2.22 33.53
C SER A 110 -1.02 2.86 32.95
N SER A 111 -0.89 3.75 31.97
CA SER A 111 -2.01 4.41 31.33
C SER A 111 -1.76 4.44 29.83
N PRO A 112 -2.82 4.47 29.03
CA PRO A 112 -2.65 4.50 27.58
C PRO A 112 -2.38 5.91 27.09
N PRO A 113 -1.93 6.07 25.84
CA PRO A 113 -1.85 7.40 25.26
C PRO A 113 -3.21 8.09 25.28
N ARG A 114 -3.19 9.42 25.32
CA ARG A 114 -4.40 10.22 25.49
C ARG A 114 -4.78 10.90 24.19
N ARG A 115 -6.09 11.13 24.03
CA ARG A 115 -6.68 11.88 22.92
C ARG A 115 -6.17 11.35 21.58
N VAL A 116 -6.38 10.05 21.36
CA VAL A 116 -6.01 9.43 20.10
C VAL A 116 -6.98 9.87 19.01
N GLN A 117 -6.44 10.26 17.86
CA GLN A 117 -7.25 10.69 16.74
C GLN A 117 -6.61 10.23 15.43
N ALA A 118 -7.44 10.10 14.40
CA ALA A 118 -6.96 9.64 13.11
C ALA A 118 -7.86 10.18 12.01
N ARG A 119 -7.28 10.32 10.82
CA ARG A 119 -8.02 10.73 9.63
C ARG A 119 -7.28 10.22 8.40
N MET A 120 -7.99 10.16 7.28
CA MET A 120 -7.40 9.73 6.02
C MET A 120 -6.72 10.91 5.35
N LEU A 121 -5.43 10.76 5.06
CA LEU A 121 -4.71 11.81 4.34
C LEU A 121 -4.87 11.66 2.84
N SER A 122 -4.90 10.41 2.37
CA SER A 122 -5.08 10.12 0.95
C SER A 122 -6.00 8.91 0.85
N ALA A 123 -5.97 8.26 -0.32
CA ALA A 123 -6.76 7.05 -0.51
C ALA A 123 -6.18 5.86 0.24
N SER A 124 -4.92 5.94 0.67
CA SER A 124 -4.27 4.80 1.30
C SER A 124 -3.36 5.21 2.47
N THR A 125 -3.36 6.47 2.87
CA THR A 125 -2.52 6.96 3.96
C THR A 125 -3.39 7.62 5.02
N MET A 126 -3.21 7.20 6.27
CA MET A 126 -3.91 7.79 7.40
C MET A 126 -2.92 8.45 8.34
N LEU A 127 -3.35 9.55 8.95
CA LEU A 127 -2.56 10.25 9.95
C LEU A 127 -3.11 9.92 11.33
N VAL A 128 -2.23 9.54 12.25
CA VAL A 128 -2.59 9.23 13.61
C VAL A 128 -1.89 10.21 14.54
N GLN A 129 -2.60 10.66 15.57
CA GLN A 129 -2.05 11.59 16.54
C GLN A 129 -2.58 11.23 17.94
N TRP A 130 -1.82 11.63 18.95
CA TRP A 130 -2.17 11.30 20.33
C TRP A 130 -1.42 12.24 21.27
N GLU A 131 -1.63 12.04 22.56
CA GLU A 131 -0.96 12.74 23.63
C GLU A 131 -0.27 11.72 24.53
N PRO A 132 0.77 12.11 25.26
CA PRO A 132 1.47 11.14 26.10
C PRO A 132 0.55 10.61 27.18
N PRO A 133 0.81 9.40 27.68
CA PRO A 133 -0.02 8.86 28.76
C PRO A 133 0.17 9.64 30.04
N GLU A 134 -0.86 9.62 30.88
CA GLU A 134 -0.78 10.34 32.14
C GLU A 134 0.16 9.65 33.13
N GLU A 135 0.33 8.33 33.00
CA GLU A 135 1.18 7.55 33.90
C GLU A 135 2.23 6.79 33.09
N PRO A 136 3.25 7.49 32.57
CA PRO A 136 4.27 6.79 31.78
C PRO A 136 5.16 5.88 32.62
N ASN A 137 5.46 6.25 33.86
CA ASN A 137 6.34 5.49 34.75
C ASN A 137 7.74 5.32 34.15
N GLY A 138 8.17 6.28 33.37
CA GLY A 138 9.50 6.23 32.78
C GLY A 138 9.56 7.08 31.52
N LEU A 139 10.70 6.97 30.84
CA LEU A 139 10.92 7.65 29.58
C LEU A 139 10.38 6.78 28.44
N VAL A 140 9.47 7.35 27.65
CA VAL A 140 8.86 6.61 26.55
C VAL A 140 9.88 6.43 25.43
N ARG A 141 10.09 5.19 25.02
CA ARG A 141 11.01 4.88 23.93
C ARG A 141 10.30 4.73 22.59
N GLY A 142 8.98 4.73 22.57
CA GLY A 142 8.25 4.59 21.33
C GLY A 142 6.81 4.20 21.59
N TYR A 143 6.09 3.99 20.50
CA TYR A 143 4.68 3.59 20.54
C TYR A 143 4.45 2.43 19.60
N ARG A 144 3.34 1.73 19.80
CA ARG A 144 2.91 0.65 18.94
C ARG A 144 1.46 0.88 18.55
N VAL A 145 1.22 1.06 17.25
CA VAL A 145 -0.12 1.35 16.73
C VAL A 145 -0.69 0.06 16.15
N TYR A 146 -1.87 -0.33 16.64
CA TYR A 146 -2.57 -1.50 16.16
C TYR A 146 -3.82 -1.07 15.40
N TYR A 147 -4.02 -1.62 14.21
CA TYR A 147 -5.12 -1.21 13.34
C TYR A 147 -5.57 -2.40 12.52
N THR A 148 -6.84 -2.37 12.10
CA THR A 148 -7.43 -3.45 11.33
C THR A 148 -8.57 -2.90 10.48
N PRO A 149 -8.81 -3.47 9.30
CA PRO A 149 -10.02 -3.12 8.54
C PRO A 149 -11.27 -3.82 9.02
N ASP A 150 -11.14 -4.87 9.83
CA ASP A 150 -12.28 -5.60 10.37
C ASP A 150 -12.18 -5.59 11.89
N SER A 151 -13.11 -4.89 12.55
CA SER A 151 -13.14 -4.88 14.00
C SER A 151 -13.46 -6.24 14.60
N ARG A 152 -14.06 -7.15 13.82
CA ARG A 152 -14.38 -8.48 14.32
C ARG A 152 -13.14 -9.33 14.51
N ARG A 153 -12.01 -8.96 13.90
CA ARG A 153 -10.78 -9.70 14.09
C ARG A 153 -10.31 -9.58 15.54
N PRO A 154 -9.68 -10.63 16.08
CA PRO A 154 -9.12 -10.52 17.43
C PRO A 154 -8.06 -9.45 17.49
N PRO A 155 -7.85 -8.84 18.66
CA PRO A 155 -6.91 -7.71 18.74
C PRO A 155 -5.50 -8.05 18.32
N ASN A 156 -5.03 -9.26 18.62
CA ASN A 156 -3.67 -9.64 18.28
C ASN A 156 -3.51 -9.95 16.80
N ALA A 157 -4.59 -9.98 16.04
CA ALA A 157 -4.53 -10.15 14.59
C ALA A 157 -4.37 -8.83 13.85
N TRP A 158 -4.39 -7.70 14.55
CA TRP A 158 -4.23 -6.41 13.92
C TRP A 158 -2.78 -6.21 13.47
N HIS A 159 -2.59 -5.29 12.54
CA HIS A 159 -1.26 -4.95 12.08
C HIS A 159 -0.60 -3.98 13.06
N LYS A 160 0.69 -4.22 13.32
CA LYS A 160 1.45 -3.42 14.28
C LYS A 160 2.42 -2.51 13.55
N HIS A 161 2.37 -1.22 13.87
CA HIS A 161 3.27 -0.22 13.31
C HIS A 161 3.96 0.50 14.45
N ASN A 162 5.29 0.34 14.53
CA ASN A 162 6.07 0.95 15.60
C ASN A 162 6.53 2.34 15.20
N THR A 163 6.52 3.26 16.16
CA THR A 163 6.96 4.64 15.96
C THR A 163 7.92 5.03 17.08
N ASP A 164 8.46 6.24 16.99
CA ASP A 164 9.34 6.76 18.01
C ASP A 164 8.50 7.54 19.04
N ALA A 165 9.15 8.38 19.85
CA ALA A 165 8.48 9.09 20.94
C ALA A 165 7.62 10.25 20.45
N GLY A 166 7.58 10.53 19.16
CA GLY A 166 6.71 11.58 18.66
C GLY A 166 5.24 11.31 18.94
N LEU A 167 4.45 12.37 18.89
CA LEU A 167 3.04 12.30 19.23
C LEU A 167 2.14 12.17 18.00
N LEU A 168 2.71 11.87 16.83
CA LEU A 168 1.91 11.65 15.63
C LEU A 168 2.72 10.81 14.66
N THR A 169 2.00 10.16 13.74
CA THR A 169 2.64 9.30 12.76
C THR A 169 1.68 9.08 11.59
N THR A 170 2.22 8.53 10.50
CA THR A 170 1.46 8.19 9.31
C THR A 170 1.61 6.71 9.00
N VAL A 171 0.55 6.12 8.48
CA VAL A 171 0.54 4.72 8.05
C VAL A 171 0.06 4.66 6.61
N GLY A 172 0.90 4.14 5.73
CA GLY A 172 0.55 4.00 4.33
C GLY A 172 0.17 2.57 3.97
N SER A 173 -0.02 2.36 2.67
CA SER A 173 -0.36 1.05 2.11
C SER A 173 -1.64 0.48 2.70
N LEU A 174 -2.56 1.35 3.12
CA LEU A 174 -3.86 0.90 3.59
C LEU A 174 -4.69 0.40 2.42
N LEU A 175 -5.73 -0.36 2.74
CA LEU A 175 -6.63 -0.76 1.67
C LEU A 175 -7.69 0.32 1.48
N PRO A 176 -7.94 0.75 0.24
CA PRO A 176 -8.86 1.87 0.02
C PRO A 176 -10.32 1.47 0.15
N GLY A 177 -11.15 2.46 0.45
CA GLY A 177 -12.58 2.23 0.47
C GLY A 177 -13.11 1.59 1.73
N ILE A 178 -12.31 1.55 2.79
CA ILE A 178 -12.71 0.89 4.03
C ILE A 178 -12.38 1.78 5.22
N THR A 179 -13.19 1.66 6.27
CA THR A 179 -13.00 2.43 7.50
C THR A 179 -12.26 1.59 8.51
N TYR A 180 -11.11 2.09 8.98
CA TYR A 180 -10.25 1.33 9.87
C TYR A 180 -10.58 1.61 11.33
N SER A 181 -10.24 0.66 12.19
CA SER A 181 -10.23 0.85 13.63
C SER A 181 -8.79 0.87 14.12
N LEU A 182 -8.56 1.54 15.24
CA LEU A 182 -7.19 1.81 15.64
C LEU A 182 -7.12 2.08 17.14
N ARG A 183 -6.00 1.68 17.74
CA ARG A 183 -5.66 2.07 19.10
C ARG A 183 -4.15 1.99 19.27
N VAL A 184 -3.61 2.86 20.12
CA VAL A 184 -2.18 3.02 20.30
C VAL A 184 -1.82 2.75 21.76
N LEU A 185 -0.63 2.17 21.96
CA LEU A 185 -0.07 1.99 23.29
C LEU A 185 1.35 2.55 23.31
N ALA A 186 1.81 2.92 24.50
CA ALA A 186 3.15 3.43 24.70
C ALA A 186 3.99 2.38 25.42
N PHE A 187 5.30 2.43 25.18
CA PHE A 187 6.22 1.56 25.89
C PHE A 187 7.49 2.33 26.26
N THR A 188 7.99 2.06 27.45
CA THR A 188 9.29 2.56 27.90
C THR A 188 10.33 1.47 27.66
N ALA A 189 11.51 1.63 28.25
CA ALA A 189 12.53 0.59 28.16
C ALA A 189 12.15 -0.66 28.94
N VAL A 190 11.14 -0.59 29.79
CA VAL A 190 10.73 -1.72 30.62
C VAL A 190 9.75 -2.62 29.88
N GLY A 191 8.70 -2.05 29.30
CA GLY A 191 7.71 -2.85 28.61
C GLY A 191 6.60 -1.98 28.07
N ASP A 192 5.60 -2.64 27.50
CA ASP A 192 4.48 -1.95 26.89
C ASP A 192 3.46 -1.54 27.94
N GLY A 193 2.74 -0.45 27.65
CA GLY A 193 1.64 -0.01 28.47
C GLY A 193 0.32 -0.47 27.91
N PRO A 194 -0.78 -0.08 28.55
CA PRO A 194 -2.09 -0.50 28.06
C PRO A 194 -2.46 0.24 26.79
N PRO A 195 -3.27 -0.35 25.93
CA PRO A 195 -3.69 0.34 24.71
C PRO A 195 -4.87 1.27 24.97
N SER A 196 -4.94 2.33 24.17
CA SER A 196 -6.03 3.28 24.26
C SER A 196 -7.34 2.61 23.82
N PRO A 197 -8.48 3.23 24.14
CA PRO A 197 -9.74 2.74 23.58
C PRO A 197 -9.72 2.84 22.06
N THR A 198 -10.39 1.89 21.40
CA THR A 198 -10.40 1.87 19.95
C THR A 198 -11.10 3.12 19.41
N ILE A 199 -10.51 3.69 18.37
CA ILE A 199 -11.06 4.88 17.72
C ILE A 199 -11.32 4.53 16.25
N GLN A 200 -12.06 5.41 15.59
CA GLN A 200 -12.35 5.28 14.17
C GLN A 200 -11.76 6.48 13.43
N VAL A 201 -11.06 6.20 12.35
CA VAL A 201 -10.38 7.25 11.58
C VAL A 201 -11.39 7.98 10.70
N LYS A 202 -11.23 9.29 10.58
CA LYS A 202 -12.14 10.13 9.82
C LYS A 202 -11.81 10.07 8.33
N THR A 203 -12.69 10.64 7.52
CA THR A 203 -12.58 10.62 6.08
C THR A 203 -12.18 11.99 5.55
N GLN A 204 -11.64 12.01 4.33
CA GLN A 204 -11.32 13.26 3.66
C GLN A 204 -12.60 14.02 3.39
N GLN A 205 -12.60 15.32 3.70
CA GLN A 205 -13.80 16.14 3.72
C GLN A 205 -14.50 16.19 2.37
N GLY A 206 -13.91 16.86 1.40
CA GLY A 206 -14.52 17.00 0.10
C GLY A 206 -14.16 15.94 -0.91
N VAL A 207 -13.44 14.91 -0.51
CA VAL A 207 -13.05 13.85 -1.45
C VAL A 207 -14.27 12.99 -1.75
N PRO A 208 -14.52 12.66 -3.02
CA PRO A 208 -15.73 11.88 -3.36
C PRO A 208 -15.56 10.41 -3.01
N ALA A 209 -16.67 9.69 -3.10
CA ALA A 209 -16.72 8.28 -2.74
C ALA A 209 -16.29 7.40 -3.90
N GLN A 210 -15.94 6.16 -3.56
CA GLN A 210 -15.67 5.14 -4.57
C GLN A 210 -16.87 5.02 -5.49
N PRO A 211 -16.68 5.08 -6.81
CA PRO A 211 -17.82 4.98 -7.73
C PRO A 211 -18.56 3.66 -7.57
N ALA A 212 -19.87 3.71 -7.78
CA ALA A 212 -20.76 2.58 -7.56
C ALA A 212 -21.29 2.04 -8.88
N ASP A 213 -21.55 0.74 -8.89
CA ASP A 213 -22.12 0.05 -10.06
C ASP A 213 -21.27 0.27 -11.31
N PHE A 214 -19.95 0.14 -11.13
CA PHE A 214 -19.00 0.30 -12.23
C PHE A 214 -19.09 -0.92 -13.15
N GLN A 215 -19.41 -0.69 -14.42
CA GLN A 215 -19.59 -1.76 -15.40
C GLN A 215 -18.87 -1.42 -16.69
N ALA A 216 -18.60 -2.47 -17.47
CA ALA A 216 -17.95 -2.35 -18.76
C ALA A 216 -18.73 -3.15 -19.79
N GLU A 217 -19.01 -2.54 -20.94
CA GLU A 217 -19.79 -3.16 -22.00
C GLU A 217 -18.97 -3.14 -23.29
N VAL A 218 -18.75 -4.31 -23.87
CA VAL A 218 -17.99 -4.43 -25.11
C VAL A 218 -18.87 -4.00 -26.27
N GLU A 219 -18.44 -2.98 -27.00
CA GLU A 219 -19.18 -2.46 -28.14
C GLU A 219 -18.70 -3.03 -29.47
N SER A 220 -17.40 -3.21 -29.63
CA SER A 220 -16.84 -3.73 -30.86
C SER A 220 -15.43 -4.25 -30.57
N ASP A 221 -14.63 -4.43 -31.61
CA ASP A 221 -13.23 -4.78 -31.46
C ASP A 221 -12.36 -3.61 -31.02
N THR A 222 -12.88 -2.38 -31.07
CA THR A 222 -12.10 -1.20 -30.74
C THR A 222 -12.78 -0.27 -29.75
N ARG A 223 -14.03 -0.55 -29.35
CA ARG A 223 -14.78 0.33 -28.46
C ARG A 223 -15.29 -0.43 -27.25
N ILE A 224 -15.17 0.18 -26.08
CA ILE A 224 -15.78 -0.29 -24.85
C ILE A 224 -16.40 0.90 -24.15
N GLN A 225 -17.67 0.78 -23.78
CA GLN A 225 -18.37 1.85 -23.07
C GLN A 225 -18.43 1.51 -21.59
N LEU A 226 -17.88 2.39 -20.76
CA LEU A 226 -17.96 2.26 -19.31
C LEU A 226 -19.18 3.01 -18.79
N SER A 227 -19.78 2.47 -17.73
CA SER A 227 -20.96 3.08 -17.14
C SER A 227 -20.94 2.90 -15.63
N TRP A 228 -21.58 3.83 -14.94
CA TRP A 228 -21.69 3.83 -13.48
C TRP A 228 -22.83 4.77 -13.11
N LEU A 229 -23.13 4.83 -11.82
CA LEU A 229 -24.18 5.71 -11.32
C LEU A 229 -23.57 7.03 -10.87
N LEU A 230 -24.14 8.13 -11.36
CA LEU A 230 -23.66 9.44 -10.97
C LEU A 230 -24.10 9.74 -9.54
N PRO A 231 -23.19 10.15 -8.67
CA PRO A 231 -23.55 10.36 -7.26
C PRO A 231 -24.47 11.57 -7.09
N PRO A 232 -25.51 11.45 -6.28
CA PRO A 232 -26.42 12.58 -6.07
C PRO A 232 -25.85 13.61 -5.12
N GLN A 233 -25.97 14.88 -5.50
CA GLN A 233 -25.61 16.04 -4.69
C GLN A 233 -24.18 15.90 -4.14
N GLU A 234 -23.24 15.77 -5.08
CA GLU A 234 -21.83 15.60 -4.76
C GLU A 234 -21.03 16.42 -5.75
N ARG A 235 -20.20 17.33 -5.24
CA ARG A 235 -19.49 18.28 -6.10
C ARG A 235 -18.44 17.56 -6.96
N ILE A 236 -18.91 16.76 -7.91
CA ILE A 236 -18.02 16.07 -8.83
C ILE A 236 -17.51 17.05 -9.88
N ILE A 237 -16.22 17.01 -10.16
CA ILE A 237 -15.59 17.93 -11.10
C ILE A 237 -15.10 17.19 -12.35
N MET A 238 -14.53 16.01 -12.19
CA MET A 238 -14.13 15.19 -13.32
C MET A 238 -13.82 13.78 -12.85
N TYR A 239 -13.97 12.82 -13.75
CA TYR A 239 -13.63 11.43 -13.49
C TYR A 239 -12.25 11.10 -14.06
N GLU A 240 -11.58 10.16 -13.43
CA GLU A 240 -10.28 9.68 -13.88
C GLU A 240 -10.37 8.17 -14.11
N LEU A 241 -10.19 7.75 -15.36
CA LEU A 241 -10.25 6.34 -15.73
C LEU A 241 -8.85 5.87 -16.08
N VAL A 242 -8.38 4.85 -15.37
CA VAL A 242 -7.06 4.25 -15.59
C VAL A 242 -7.27 2.84 -16.12
N TYR A 243 -6.68 2.55 -17.29
CA TYR A 243 -6.83 1.25 -17.92
C TYR A 243 -5.49 0.81 -18.49
N TRP A 244 -5.35 -0.51 -18.67
CA TRP A 244 -4.13 -1.06 -19.23
C TRP A 244 -4.43 -2.43 -19.81
N ALA A 245 -3.51 -2.91 -20.66
CA ALA A 245 -3.61 -4.26 -21.18
C ALA A 245 -3.03 -5.24 -20.18
N ALA A 246 -3.72 -6.37 -20.00
CA ALA A 246 -3.29 -7.36 -19.02
C ALA A 246 -1.87 -7.86 -19.31
N GLU A 247 -1.53 -7.97 -20.59
CA GLU A 247 -0.20 -8.44 -20.96
C GLU A 247 0.89 -7.39 -20.78
N ASP A 248 0.51 -6.11 -20.67
CA ASP A 248 1.46 -5.02 -20.48
C ASP A 248 1.12 -4.30 -19.17
N GLU A 249 1.35 -5.00 -18.06
CA GLU A 249 1.07 -4.42 -16.75
C GLU A 249 1.90 -3.17 -16.48
N ASP A 250 3.07 -3.07 -17.11
CA ASP A 250 3.95 -1.92 -16.88
C ASP A 250 3.44 -0.66 -17.57
N GLN A 251 2.79 -0.80 -18.72
CA GLN A 251 2.30 0.34 -19.49
C GLN A 251 0.82 0.54 -19.21
N GLN A 252 0.48 1.70 -18.67
CA GLN A 252 -0.89 2.03 -18.29
C GLN A 252 -1.28 3.38 -18.88
N HIS A 253 -2.59 3.61 -18.96
CA HIS A 253 -3.14 4.82 -19.57
C HIS A 253 -4.12 5.47 -18.61
N LYS A 254 -4.36 6.77 -18.83
CA LYS A 254 -5.24 7.55 -17.97
C LYS A 254 -5.91 8.65 -18.81
N VAL A 255 -7.23 8.74 -18.72
CA VAL A 255 -8.00 9.74 -19.45
C VAL A 255 -8.97 10.42 -18.49
N THR A 256 -9.02 11.75 -18.54
CA THR A 256 -9.89 12.55 -17.68
C THR A 256 -10.95 13.23 -18.54
N PHE A 257 -12.16 13.36 -18.00
CA PHE A 257 -13.27 13.91 -18.75
C PHE A 257 -14.28 14.54 -17.80
N ASP A 258 -15.15 15.37 -18.35
CA ASP A 258 -16.13 16.10 -17.57
C ASP A 258 -17.15 15.13 -16.96
N PRO A 259 -17.85 15.56 -15.90
CA PRO A 259 -18.75 14.65 -15.19
C PRO A 259 -19.85 14.11 -16.10
N THR A 260 -20.11 12.81 -15.95
CA THR A 260 -21.15 12.11 -16.69
C THR A 260 -21.36 10.76 -16.01
N SER A 261 -22.33 10.00 -16.53
CA SER A 261 -22.62 8.66 -16.02
C SER A 261 -22.16 7.56 -16.95
N SER A 262 -21.58 7.90 -18.10
CA SER A 262 -21.13 6.89 -19.06
C SER A 262 -20.05 7.51 -19.93
N TYR A 263 -19.13 6.66 -20.38
CA TYR A 263 -18.03 7.09 -21.24
C TYR A 263 -17.64 5.94 -22.15
N THR A 264 -17.47 6.22 -23.43
CA THR A 264 -17.13 5.21 -24.43
C THR A 264 -15.66 5.36 -24.81
N LEU A 265 -14.85 4.38 -24.43
CA LEU A 265 -13.46 4.33 -24.86
C LEU A 265 -13.39 3.78 -26.28
N GLU A 266 -12.54 4.41 -27.10
CA GLU A 266 -12.43 4.07 -28.51
C GLU A 266 -10.98 3.76 -28.85
N ASP A 267 -10.79 3.22 -30.06
CA ASP A 267 -9.46 2.98 -30.63
C ASP A 267 -8.66 1.98 -29.80
N LEU A 268 -9.34 0.96 -29.27
CA LEU A 268 -8.67 -0.10 -28.54
C LEU A 268 -8.21 -1.20 -29.50
N LYS A 269 -7.29 -2.02 -29.01
CA LYS A 269 -6.75 -3.09 -29.84
C LYS A 269 -7.68 -4.31 -29.80
N PRO A 270 -7.92 -4.94 -30.94
CA PRO A 270 -8.83 -6.09 -30.97
C PRO A 270 -8.21 -7.31 -30.30
N ASP A 271 -9.09 -8.13 -29.71
CA ASP A 271 -8.70 -9.38 -29.04
C ASP A 271 -7.70 -9.11 -27.91
N THR A 272 -7.97 -8.09 -27.12
CA THR A 272 -7.08 -7.68 -26.03
C THR A 272 -7.88 -7.57 -24.74
N LEU A 273 -7.35 -8.15 -23.67
CA LEU A 273 -7.96 -8.07 -22.35
C LEU A 273 -7.53 -6.80 -21.66
N TYR A 274 -8.50 -5.96 -21.29
CA TYR A 274 -8.24 -4.68 -20.64
C TYR A 274 -8.74 -4.71 -19.20
N ARG A 275 -8.06 -3.97 -18.34
CA ARG A 275 -8.45 -3.82 -16.95
C ARG A 275 -8.77 -2.36 -16.66
N PHE A 276 -9.70 -2.14 -15.73
CA PHE A 276 -10.24 -0.80 -15.51
C PHE A 276 -10.38 -0.51 -14.02
N GLN A 277 -10.01 0.72 -13.65
CA GLN A 277 -10.30 1.29 -12.35
C GLN A 277 -10.79 2.72 -12.55
N LEU A 278 -11.73 3.15 -11.71
CA LEU A 278 -12.30 4.48 -11.82
C LEU A 278 -12.26 5.19 -10.48
N ALA A 279 -12.00 6.50 -10.51
CA ALA A 279 -11.99 7.32 -9.32
C ALA A 279 -12.67 8.64 -9.62
N ALA A 280 -13.05 9.35 -8.55
CA ALA A 280 -13.76 10.61 -8.66
C ALA A 280 -12.96 11.70 -7.97
N ARG A 281 -12.78 12.83 -8.66
CA ARG A 281 -12.04 13.96 -8.13
C ARG A 281 -12.99 15.13 -7.91
N SER A 282 -12.91 15.74 -6.74
CA SER A 282 -13.59 16.98 -6.44
C SER A 282 -12.57 18.10 -6.31
N ASP A 283 -13.02 19.28 -5.87
CA ASP A 283 -12.09 20.37 -5.65
C ASP A 283 -11.10 20.08 -4.52
N MET A 284 -11.36 19.04 -3.73
CA MET A 284 -10.50 18.65 -2.62
C MET A 284 -9.63 17.45 -2.94
N GLY A 285 -9.63 16.98 -4.19
CA GLY A 285 -8.76 15.91 -4.62
C GLY A 285 -9.53 14.69 -5.08
N VAL A 286 -8.78 13.65 -5.44
CA VAL A 286 -9.30 12.42 -6.01
C VAL A 286 -9.64 11.45 -4.89
N GLY A 287 -10.70 10.67 -5.08
CA GLY A 287 -11.08 9.63 -4.14
C GLY A 287 -10.38 8.33 -4.41
N VAL A 288 -10.88 7.28 -3.76
CA VAL A 288 -10.33 5.94 -3.92
C VAL A 288 -10.80 5.35 -5.25
N PHE A 289 -9.96 4.51 -5.85
CA PHE A 289 -10.32 3.86 -7.09
C PHE A 289 -11.31 2.72 -6.84
N THR A 290 -12.07 2.38 -7.87
CA THR A 290 -12.84 1.16 -7.86
C THR A 290 -11.89 -0.03 -7.84
N PRO A 291 -12.39 -1.21 -7.47
CA PRO A 291 -11.61 -2.42 -7.72
C PRO A 291 -11.47 -2.67 -9.22
N THR A 292 -10.50 -3.50 -9.57
CA THR A 292 -10.20 -3.74 -10.98
C THR A 292 -11.27 -4.60 -11.62
N ILE A 293 -11.80 -4.14 -12.75
CA ILE A 293 -12.70 -4.94 -13.57
C ILE A 293 -12.01 -5.20 -14.90
N GLU A 294 -12.52 -6.20 -15.62
CA GLU A 294 -11.87 -6.67 -16.84
C GLU A 294 -12.87 -6.79 -17.99
N ALA A 295 -12.34 -6.65 -19.20
CA ALA A 295 -13.11 -6.82 -20.42
C ALA A 295 -12.14 -7.11 -21.55
N ARG A 296 -12.54 -7.99 -22.46
CA ARG A 296 -11.75 -8.34 -23.63
C ARG A 296 -12.44 -7.82 -24.88
N THR A 297 -11.68 -7.10 -25.72
CA THR A 297 -12.25 -6.59 -26.95
C THR A 297 -12.56 -7.74 -27.91
N ALA A 298 -13.49 -7.47 -28.83
CA ALA A 298 -13.88 -8.45 -29.81
C ALA A 298 -12.75 -8.64 -30.83
N GLN A 299 -12.86 -9.71 -31.61
CA GLN A 299 -11.87 -9.99 -32.64
C GLN A 299 -12.14 -9.16 -33.89
N SER A 300 -11.07 -8.95 -34.66
CA SER A 300 -11.20 -8.33 -35.97
C SER A 300 -10.51 -9.21 -37.01
N THR A 301 -10.40 -8.73 -38.23
CA THR A 301 -9.61 -9.44 -39.22
C THR A 301 -8.12 -9.22 -38.95
N PRO A 302 -7.28 -10.15 -39.39
CA PRO A 302 -5.83 -9.92 -39.27
C PRO A 302 -5.41 -8.65 -39.98
N SER A 303 -4.33 -8.04 -39.49
CA SER A 303 -3.82 -6.80 -40.02
C SER A 303 -2.44 -6.94 -40.65
N ALA A 304 -1.89 -8.15 -40.69
CA ALA A 304 -0.59 -8.41 -41.25
C ALA A 304 -0.59 -9.77 -41.94
N PRO A 305 0.16 -9.93 -43.02
CA PRO A 305 0.20 -11.21 -43.72
C PRO A 305 1.16 -12.16 -43.06
N PRO A 306 1.16 -13.44 -43.45
CA PRO A 306 2.21 -14.35 -42.98
C PRO A 306 3.58 -13.87 -43.42
N GLN A 307 4.59 -14.24 -42.65
CA GLN A 307 5.95 -13.78 -42.87
C GLN A 307 6.80 -14.89 -43.46
N LYS A 308 7.96 -14.48 -44.00
CA LYS A 308 9.00 -15.41 -44.46
C LYS A 308 8.45 -16.37 -45.53
N VAL A 309 7.70 -15.82 -46.48
CA VAL A 309 7.08 -16.63 -47.52
C VAL A 309 8.14 -17.03 -48.54
N MET A 310 8.25 -18.33 -48.80
CA MET A 310 9.20 -18.87 -49.76
C MET A 310 8.49 -19.82 -50.71
N CYS A 311 9.03 -19.94 -51.93
CA CYS A 311 8.48 -20.84 -52.94
C CYS A 311 9.63 -21.56 -53.63
N VAL A 312 9.49 -22.88 -53.76
CA VAL A 312 10.47 -23.72 -54.43
C VAL A 312 9.75 -24.68 -55.36
N SER A 313 10.26 -24.84 -56.56
CA SER A 313 9.73 -25.80 -57.53
C SER A 313 10.58 -27.07 -57.47
N MET A 314 10.00 -28.13 -56.90
CA MET A 314 10.72 -29.39 -56.77
C MET A 314 10.72 -30.20 -58.07
N GLY A 315 9.78 -29.96 -58.96
CA GLY A 315 9.70 -30.68 -60.21
C GLY A 315 9.23 -29.84 -61.37
N SER A 316 8.76 -30.49 -62.43
CA SER A 316 8.31 -29.78 -63.63
C SER A 316 6.90 -29.25 -63.50
N THR A 317 6.10 -29.78 -62.58
CA THR A 317 4.71 -29.37 -62.43
C THR A 317 4.32 -29.12 -60.98
N THR A 318 5.28 -28.97 -60.07
CA THR A 318 4.99 -28.84 -58.66
C THR A 318 5.81 -27.70 -58.05
N VAL A 319 5.17 -26.90 -57.20
CA VAL A 319 5.81 -25.81 -56.49
C VAL A 319 5.44 -25.90 -55.03
N ARG A 320 6.43 -25.81 -54.15
CA ARG A 320 6.23 -25.88 -52.71
C ARG A 320 6.33 -24.47 -52.12
N VAL A 321 5.27 -24.04 -51.44
CA VAL A 321 5.23 -22.73 -50.80
C VAL A 321 5.34 -22.93 -49.29
N SER A 322 6.17 -22.10 -48.65
CA SER A 322 6.39 -22.17 -47.22
C SER A 322 6.16 -20.79 -46.61
N TRP A 323 5.73 -20.78 -45.35
CA TRP A 323 5.45 -19.54 -44.65
C TRP A 323 5.42 -19.81 -43.15
N VAL A 324 5.40 -18.72 -42.38
CA VAL A 324 5.17 -18.81 -40.94
C VAL A 324 3.97 -17.92 -40.61
N PRO A 325 3.24 -18.18 -39.53
CA PRO A 325 2.07 -17.35 -39.20
C PRO A 325 2.46 -15.91 -38.97
N PRO A 326 1.51 -14.98 -39.10
CA PRO A 326 1.81 -13.57 -38.81
C PRO A 326 2.28 -13.39 -37.38
N PRO A 327 2.98 -12.31 -37.08
CA PRO A 327 3.43 -12.08 -35.70
C PRO A 327 2.24 -12.02 -34.75
N ALA A 328 2.45 -12.55 -33.54
CA ALA A 328 1.33 -12.76 -32.62
C ALA A 328 0.56 -11.48 -32.35
N ASP A 329 1.26 -10.35 -32.29
CA ASP A 329 0.62 -9.09 -31.92
C ASP A 329 -0.23 -8.49 -33.04
N SER A 330 -0.20 -9.07 -34.25
CA SER A 330 -0.97 -8.54 -35.37
C SER A 330 -2.04 -9.51 -35.85
N ARG A 331 -2.28 -10.60 -35.13
CA ARG A 331 -3.28 -11.58 -35.57
C ARG A 331 -4.70 -11.09 -35.29
N ASN A 332 -4.90 -10.34 -34.21
CA ASN A 332 -6.22 -9.81 -33.83
C ASN A 332 -7.24 -10.93 -33.63
N GLY A 333 -6.76 -12.10 -33.25
CA GLY A 333 -7.63 -13.24 -33.06
C GLY A 333 -6.89 -14.52 -33.38
N VAL A 334 -7.57 -15.63 -33.15
CA VAL A 334 -7.00 -16.94 -33.45
C VAL A 334 -7.10 -17.19 -34.95
N ILE A 335 -5.96 -17.50 -35.57
CA ILE A 335 -5.95 -17.83 -36.99
C ILE A 335 -6.70 -19.14 -37.20
N THR A 336 -7.73 -19.10 -38.05
CA THR A 336 -8.60 -20.25 -38.25
C THR A 336 -8.40 -20.96 -39.57
N GLN A 337 -7.98 -20.26 -40.62
CA GLN A 337 -7.76 -20.91 -41.91
C GLN A 337 -6.89 -20.03 -42.78
N TYR A 338 -6.36 -20.62 -43.84
CA TYR A 338 -5.57 -19.94 -44.85
C TYR A 338 -6.22 -20.13 -46.21
N SER A 339 -5.86 -19.25 -47.15
CA SER A 339 -6.33 -19.34 -48.52
C SER A 339 -5.21 -18.93 -49.46
N VAL A 340 -5.09 -19.65 -50.57
CA VAL A 340 -4.08 -19.40 -51.57
C VAL A 340 -4.76 -19.08 -52.89
N ALA A 341 -4.39 -17.94 -53.49
CA ALA A 341 -4.88 -17.55 -54.80
C ALA A 341 -3.70 -17.48 -55.76
N TYR A 342 -3.96 -17.81 -57.02
CA TYR A 342 -2.92 -17.83 -58.04
C TYR A 342 -3.46 -17.29 -59.35
N GLU A 343 -2.55 -16.73 -60.15
CA GLU A 343 -2.88 -16.16 -61.44
C GLU A 343 -1.63 -16.10 -62.29
N ALA A 344 -1.71 -16.65 -63.51
CA ALA A 344 -0.58 -16.68 -64.43
C ALA A 344 -0.72 -15.57 -65.46
N VAL A 345 0.37 -14.83 -65.68
CA VAL A 345 0.32 -13.73 -66.63
C VAL A 345 0.60 -14.22 -68.05
N ASP A 346 1.52 -15.18 -68.19
CA ASP A 346 1.91 -15.68 -69.49
C ASP A 346 1.17 -16.96 -69.89
N GLY A 347 0.96 -17.88 -68.96
CA GLY A 347 0.25 -19.10 -69.26
C GLY A 347 -1.21 -18.86 -69.56
N GLU A 348 -1.88 -19.95 -69.97
CA GLU A 348 -3.29 -19.88 -70.34
C GLU A 348 -4.20 -19.80 -69.12
N VAL A 354 -8.60 -20.81 -56.92
CA VAL A 354 -8.38 -20.41 -55.53
C VAL A 354 -8.74 -21.55 -54.59
N VAL A 355 -7.81 -21.88 -53.69
CA VAL A 355 -8.00 -22.93 -52.70
C VAL A 355 -8.13 -22.26 -51.34
N ASP A 356 -9.33 -22.35 -50.77
CA ASP A 356 -9.61 -21.84 -49.43
C ASP A 356 -9.82 -23.00 -48.46
N GLY A 357 -10.15 -22.66 -47.22
CA GLY A 357 -10.39 -23.68 -46.22
C GLY A 357 -9.16 -24.45 -45.77
N ILE A 358 -7.96 -23.93 -46.06
CA ILE A 358 -6.73 -24.57 -45.60
C ILE A 358 -6.65 -24.45 -44.08
N SER A 359 -6.53 -25.58 -43.40
CA SER A 359 -6.59 -25.60 -41.95
C SER A 359 -5.44 -24.78 -41.36
N ARG A 360 -5.65 -24.33 -40.11
CA ARG A 360 -4.70 -23.42 -39.46
C ARG A 360 -3.39 -24.09 -39.10
N GLU A 361 -3.35 -25.42 -39.08
CA GLU A 361 -2.13 -26.13 -38.72
C GLU A 361 -1.15 -26.27 -39.87
N HIS A 362 -1.54 -25.92 -41.09
CA HIS A 362 -0.66 -26.05 -42.25
C HIS A 362 0.36 -24.92 -42.25
N SER A 363 1.63 -25.28 -42.43
CA SER A 363 2.69 -24.32 -42.69
C SER A 363 3.19 -24.35 -44.12
N SER A 364 2.74 -25.32 -44.92
CA SER A 364 3.09 -25.41 -46.32
C SER A 364 1.98 -26.13 -47.07
N TRP A 365 1.92 -25.91 -48.37
CA TRP A 365 0.92 -26.52 -49.22
C TRP A 365 1.51 -26.70 -50.62
N ASP A 366 1.21 -27.83 -51.25
CA ASP A 366 1.83 -28.20 -52.51
C ASP A 366 0.87 -27.89 -53.66
N LEU A 367 1.25 -26.91 -54.49
CA LEU A 367 0.53 -26.62 -55.72
C LEU A 367 0.90 -27.65 -56.77
N VAL A 368 -0.10 -28.32 -57.33
CA VAL A 368 0.13 -29.38 -58.30
C VAL A 368 -0.55 -29.02 -59.61
N GLY A 369 -0.06 -29.62 -60.69
CA GLY A 369 -0.65 -29.44 -62.00
C GLY A 369 -0.27 -28.16 -62.71
N LEU A 370 0.87 -27.56 -62.38
CA LEU A 370 1.29 -26.35 -63.03
C LEU A 370 1.92 -26.66 -64.39
N GLU A 371 2.12 -25.62 -65.19
CA GLU A 371 2.71 -25.75 -66.50
C GLU A 371 4.24 -25.65 -66.41
N LYS A 372 4.91 -26.36 -67.32
CA LYS A 372 6.36 -26.37 -67.33
C LYS A 372 6.93 -25.01 -67.70
N TRP A 373 7.96 -24.59 -66.97
CA TRP A 373 8.67 -23.33 -67.25
C TRP A 373 7.71 -22.13 -67.31
N THR A 374 6.75 -22.12 -66.38
CA THR A 374 5.71 -21.09 -66.36
C THR A 374 5.73 -20.36 -65.03
N GLU A 375 5.61 -19.04 -65.09
CA GLU A 375 5.64 -18.20 -63.90
C GLU A 375 4.22 -17.89 -63.45
N TYR A 376 3.97 -18.06 -62.15
CA TYR A 376 2.67 -17.77 -61.55
C TYR A 376 2.84 -16.71 -60.47
N ARG A 377 1.78 -15.94 -60.24
CA ARG A 377 1.71 -15.05 -59.10
C ARG A 377 0.98 -15.76 -57.97
N VAL A 378 1.56 -15.69 -56.76
CA VAL A 378 1.06 -16.44 -55.61
C VAL A 378 0.94 -15.51 -54.42
N TRP A 379 -0.22 -15.50 -53.78
CA TRP A 379 -0.45 -14.74 -52.55
C TRP A 379 -0.89 -15.70 -51.45
N VAL A 380 -0.44 -15.43 -50.23
CA VAL A 380 -0.81 -16.19 -49.04
C VAL A 380 -1.55 -15.27 -48.09
N ARG A 381 -2.60 -15.79 -47.45
CA ARG A 381 -3.51 -14.98 -46.66
C ARG A 381 -3.92 -15.72 -45.39
N ALA A 382 -4.09 -14.97 -44.31
CA ALA A 382 -4.50 -15.50 -43.02
C ALA A 382 -5.92 -15.07 -42.70
N HIS A 383 -6.62 -15.89 -41.91
CA HIS A 383 -8.02 -15.64 -41.57
C HIS A 383 -8.26 -15.79 -40.09
N THR A 384 -9.18 -14.98 -39.58
CA THR A 384 -9.81 -15.18 -38.28
C THR A 384 -11.28 -15.54 -38.50
N ASP A 385 -12.02 -15.65 -37.41
CA ASP A 385 -13.46 -15.84 -37.53
C ASP A 385 -14.15 -14.63 -38.14
N VAL A 386 -13.56 -13.44 -38.00
CA VAL A 386 -14.18 -12.23 -38.55
C VAL A 386 -14.04 -12.20 -40.06
N GLY A 387 -12.91 -12.68 -40.58
CA GLY A 387 -12.68 -12.71 -42.01
C GLY A 387 -11.22 -12.77 -42.36
N PRO A 388 -10.91 -12.59 -43.64
CA PRO A 388 -9.52 -12.61 -44.08
C PRO A 388 -8.80 -11.30 -43.83
N GLY A 389 -7.51 -11.42 -43.52
CA GLY A 389 -6.65 -10.27 -43.40
C GLY A 389 -5.97 -9.98 -44.73
N PRO A 390 -4.99 -9.09 -44.73
CA PRO A 390 -4.28 -8.78 -45.98
C PRO A 390 -3.35 -9.91 -46.37
N GLU A 391 -3.08 -10.00 -47.67
CA GLU A 391 -2.20 -11.02 -48.21
C GLU A 391 -0.79 -10.46 -48.38
N SER A 392 0.19 -11.37 -48.39
CA SER A 392 1.56 -10.98 -48.53
C SER A 392 1.84 -10.49 -49.96
N SER A 393 2.95 -9.78 -50.11
CA SER A 393 3.42 -9.43 -51.44
C SER A 393 3.71 -10.71 -52.22
N PRO A 394 3.34 -10.77 -53.51
CA PRO A 394 3.49 -12.03 -54.25
C PRO A 394 4.96 -12.39 -54.46
N VAL A 395 5.22 -13.70 -54.37
CA VAL A 395 6.54 -14.26 -54.65
C VAL A 395 6.46 -15.01 -55.97
N LEU A 396 7.42 -14.78 -56.84
CA LEU A 396 7.43 -15.37 -58.17
C LEU A 396 8.29 -16.63 -58.17
N VAL A 397 7.82 -17.65 -58.89
CA VAL A 397 8.50 -18.94 -58.96
C VAL A 397 8.17 -19.60 -60.29
N ARG A 398 9.15 -20.29 -60.85
CA ARG A 398 9.01 -20.98 -62.14
C ARG A 398 9.21 -22.47 -61.95
N THR A 399 8.36 -23.27 -62.57
CA THR A 399 8.45 -24.72 -62.48
C THR A 399 9.67 -25.22 -63.25
N ASP A 400 9.96 -26.51 -63.06
CA ASP A 400 11.14 -27.16 -63.65
C ASP A 400 12.42 -26.46 -63.21
#